data_8I8I
#
_entry.id   8I8I
#
_cell.length_a   72.819
_cell.length_b   72.819
_cell.length_c   200.365
_cell.angle_alpha   90.000
_cell.angle_beta   90.000
_cell.angle_gamma   90.000
#
_symmetry.space_group_name_H-M   'P 41 21 2'
#
loop_
_entity.id
_entity.type
_entity.pdbx_description
1 polymer 'Phosphopantetheine adenylyltransferase'
2 non-polymer 1,2-ETHANEDIOL
3 water water
#
_entity_poly.entity_id   1
_entity_poly.type   'polypeptide(L)'
_entity_poly.pdbx_seq_one_letter_code
;MSTKAIYPGTFDPITNGHIDIVTRAASMFDKVVLAIAASPSKKPMFSLDERIALAEQATAHLVNVEVIGFSDLMANFARA
QQANILIRGLRAVADFEYEMQLAHMNRHLMPTLESVFLMPCKEWSFISSSLVKEVARHQGDVSHFLPANVHQALLNKLK
;
_entity_poly.pdbx_strand_id   A,B,C
#
# COMPACT_ATOMS: atom_id res chain seq x y z
N MET A 1 -0.12 9.16 -7.33
CA MET A 1 -0.89 9.63 -6.14
C MET A 1 -1.56 8.46 -5.41
N SER A 2 -1.05 7.23 -5.56
CA SER A 2 -1.77 6.03 -5.14
C SER A 2 -0.86 5.11 -4.33
N THR A 3 -1.32 4.72 -3.12
CA THR A 3 -0.52 3.95 -2.17
C THR A 3 -1.33 2.77 -1.63
N LYS A 4 -0.73 1.57 -1.66
CA LYS A 4 -1.34 0.38 -1.10
C LYS A 4 -0.30 -0.38 -0.28
N ALA A 5 -0.59 -0.59 1.01
CA ALA A 5 0.37 -1.16 1.95
C ALA A 5 -0.11 -2.52 2.44
N ILE A 6 0.84 -3.39 2.80
CA ILE A 6 0.52 -4.59 3.56
C ILE A 6 1.18 -4.48 4.93
N TYR A 7 0.47 -4.99 5.93
CA TYR A 7 0.94 -5.08 7.29
C TYR A 7 0.92 -6.53 7.71
N PRO A 8 2.01 -7.30 7.41
CA PRO A 8 2.05 -8.73 7.70
C PRO A 8 2.44 -9.10 9.13
N GLY A 9 1.89 -10.20 9.62
CA GLY A 9 2.16 -10.68 10.97
C GLY A 9 1.39 -11.97 11.24
N THR A 10 1.60 -12.54 12.41
CA THR A 10 0.89 -13.74 12.82
C THR A 10 -0.42 -13.33 13.50
N PHE A 11 -0.38 -12.20 14.24
CA PHE A 11 -1.57 -11.66 14.89
C PHE A 11 -2.30 -12.73 15.71
N ASP A 12 -1.50 -13.50 16.44
CA ASP A 12 -1.99 -14.54 17.32
C ASP A 12 -1.83 -14.05 18.78
N PRO A 13 -2.86 -13.39 19.37
CA PRO A 13 -3.97 -12.76 18.61
C PRO A 13 -3.58 -11.30 18.36
N ILE A 14 -4.43 -10.58 17.63
CA ILE A 14 -4.28 -9.15 17.42
C ILE A 14 -4.39 -8.46 18.79
N THR A 15 -3.54 -7.47 19.02
CA THR A 15 -3.51 -6.69 20.26
C THR A 15 -3.78 -5.20 19.98
N ASN A 16 -3.97 -4.42 21.04
CA ASN A 16 -4.15 -2.98 20.92
C ASN A 16 -2.95 -2.38 20.18
N GLY A 17 -1.76 -2.95 20.37
CA GLY A 17 -0.58 -2.45 19.69
C GLY A 17 -0.67 -2.55 18.16
N HIS A 18 -1.19 -3.69 17.70
CA HIS A 18 -1.39 -3.94 16.29
C HIS A 18 -2.42 -2.95 15.75
N ILE A 19 -3.54 -2.80 16.48
CA ILE A 19 -4.63 -1.92 16.06
C ILE A 19 -4.06 -0.51 15.89
N ASP A 20 -3.23 -0.08 16.86
CA ASP A 20 -2.63 1.24 16.81
C ASP A 20 -1.79 1.42 15.57
N ILE A 21 -0.96 0.41 15.22
CA ILE A 21 -0.09 0.46 14.06
C ILE A 21 -0.92 0.55 12.78
N VAL A 22 -1.86 -0.37 12.61
CA VAL A 22 -2.64 -0.43 11.37
C VAL A 22 -3.51 0.83 11.22
N THR A 23 -3.95 1.42 12.35
CA THR A 23 -4.77 2.62 12.34
C THR A 23 -3.94 3.76 11.74
N ARG A 24 -2.68 3.84 12.15
CA ARG A 24 -1.81 4.93 11.74
C ARG A 24 -1.38 4.72 10.29
N ALA A 25 -1.16 3.46 9.92
CA ALA A 25 -0.91 3.10 8.53
C ALA A 25 -2.09 3.52 7.64
N ALA A 26 -3.30 3.20 8.07
CA ALA A 26 -4.51 3.48 7.31
C ALA A 26 -4.74 4.99 7.19
N SER A 27 -4.11 5.77 8.07
CA SER A 27 -4.28 7.22 8.05
C SER A 27 -3.37 7.86 7.01
N MET A 28 -2.39 7.11 6.47
CA MET A 28 -1.40 7.77 5.63
C MET A 28 -1.24 7.08 4.27
N PHE A 29 -1.90 5.94 4.08
CA PHE A 29 -1.86 5.24 2.82
C PHE A 29 -3.30 4.96 2.40
N ASP A 30 -3.51 4.85 1.08
CA ASP A 30 -4.85 4.80 0.52
C ASP A 30 -5.53 3.52 0.97
N LYS A 31 -4.84 2.38 0.83
CA LYS A 31 -5.38 1.10 1.27
C LYS A 31 -4.35 0.37 2.11
N VAL A 32 -4.82 -0.39 3.10
CA VAL A 32 -3.95 -1.21 3.92
C VAL A 32 -4.55 -2.58 4.08
N VAL A 33 -3.79 -3.61 3.67
CA VAL A 33 -4.15 -4.99 3.94
C VAL A 33 -3.44 -5.44 5.22
N LEU A 34 -4.23 -5.88 6.21
CA LEU A 34 -3.69 -6.52 7.39
C LEU A 34 -3.52 -7.99 7.05
N ALA A 35 -2.28 -8.39 6.74
CA ALA A 35 -1.95 -9.69 6.17
C ALA A 35 -1.58 -10.68 7.25
N ILE A 36 -2.40 -11.72 7.45
CA ILE A 36 -2.21 -12.70 8.51
C ILE A 36 -1.55 -13.96 7.95
N ALA A 37 -0.31 -14.23 8.39
CA ALA A 37 0.44 -15.41 7.99
C ALA A 37 -0.29 -16.69 8.40
N ALA A 38 -0.45 -17.60 7.42
CA ALA A 38 -1.26 -18.80 7.57
C ALA A 38 -0.53 -19.82 8.45
N SER A 39 0.66 -20.21 7.96
CA SER A 39 1.46 -21.23 8.62
C SER A 39 2.71 -20.55 9.16
N PRO A 40 2.61 -19.89 10.32
CA PRO A 40 3.83 -19.49 11.04
C PRO A 40 4.52 -20.80 11.44
N SER A 41 5.84 -20.75 11.60
CA SER A 41 6.62 -21.92 12.02
C SER A 41 6.08 -22.46 13.34
N LYS A 42 5.81 -21.55 14.28
CA LYS A 42 5.30 -21.91 15.59
C LYS A 42 3.81 -22.20 15.45
N LYS A 43 3.31 -23.12 16.30
CA LYS A 43 1.89 -23.47 16.32
C LYS A 43 1.12 -22.38 17.06
N PRO A 44 0.34 -21.53 16.35
CA PRO A 44 -0.40 -20.46 17.02
C PRO A 44 -1.58 -20.95 17.84
N MET A 45 -1.94 -20.18 18.89
CA MET A 45 -3.06 -20.45 19.79
C MET A 45 -4.40 -20.43 19.04
N PHE A 46 -4.51 -19.58 18.03
CA PHE A 46 -5.74 -19.48 17.24
C PHE A 46 -5.45 -19.88 15.80
N SER A 47 -6.45 -20.52 15.16
CA SER A 47 -6.36 -20.92 13.77
C SER A 47 -6.34 -19.69 12.89
N LEU A 48 -6.00 -19.88 11.61
CA LEU A 48 -6.03 -18.76 10.68
C LEU A 48 -7.43 -18.14 10.63
N ASP A 49 -8.47 -18.98 10.53
CA ASP A 49 -9.84 -18.48 10.38
C ASP A 49 -10.24 -17.66 11.60
N GLU A 50 -9.84 -18.12 12.80
CA GLU A 50 -10.11 -17.44 14.06
C GLU A 50 -9.36 -16.10 14.11
N ARG A 51 -8.10 -16.12 13.68
CA ARG A 51 -7.24 -14.95 13.69
C ARG A 51 -7.73 -13.91 12.67
N ILE A 52 -8.32 -14.38 11.56
CA ILE A 52 -8.95 -13.48 10.60
C ILE A 52 -10.20 -12.87 11.23
N ALA A 53 -11.03 -13.72 11.82
CA ALA A 53 -12.29 -13.28 12.40
C ALA A 53 -12.05 -12.17 13.44
N LEU A 54 -11.15 -12.40 14.41
CA LEU A 54 -10.88 -11.45 15.48
C LEU A 54 -10.34 -10.12 14.93
N ALA A 55 -9.40 -10.19 13.97
CA ALA A 55 -8.82 -9.01 13.36
C ALA A 55 -9.85 -8.20 12.58
N GLU A 56 -10.78 -8.89 11.88
CA GLU A 56 -11.85 -8.25 11.13
C GLU A 56 -12.69 -7.40 12.06
N GLN A 57 -13.24 -8.03 13.10
CA GLN A 57 -14.04 -7.35 14.11
C GLN A 57 -13.28 -6.14 14.66
N ALA A 58 -11.97 -6.28 14.92
CA ALA A 58 -11.20 -5.26 15.62
C ALA A 58 -10.73 -4.16 14.68
N THR A 59 -10.98 -4.28 13.38
CA THR A 59 -10.57 -3.25 12.41
C THR A 59 -11.75 -2.82 11.53
N ALA A 60 -12.96 -3.25 11.90
CA ALA A 60 -14.18 -2.99 11.14
C ALA A 60 -14.49 -1.50 11.07
N HIS A 61 -13.96 -0.71 12.01
CA HIS A 61 -14.13 0.74 12.00
C HIS A 61 -13.14 1.46 11.08
N LEU A 62 -12.24 0.73 10.42
CA LEU A 62 -11.25 1.32 9.53
C LEU A 62 -11.62 0.98 8.07
N VAL A 63 -12.17 1.98 7.36
CA VAL A 63 -12.85 1.79 6.08
C VAL A 63 -11.92 1.17 5.03
N ASN A 64 -10.67 1.67 4.97
CA ASN A 64 -9.69 1.37 3.95
C ASN A 64 -8.74 0.24 4.39
N VAL A 65 -9.11 -0.53 5.43
CA VAL A 65 -8.32 -1.65 5.90
C VAL A 65 -9.08 -2.94 5.61
N GLU A 66 -8.37 -3.92 5.04
CA GLU A 66 -8.93 -5.22 4.72
C GLU A 66 -8.00 -6.29 5.27
N VAL A 67 -8.57 -7.30 5.95
CA VAL A 67 -7.85 -8.42 6.52
C VAL A 67 -7.81 -9.57 5.50
N ILE A 68 -6.62 -10.14 5.24
CA ILE A 68 -6.49 -11.26 4.32
C ILE A 68 -5.41 -12.22 4.83
N GLY A 69 -5.72 -13.53 4.84
CA GLY A 69 -4.71 -14.56 5.08
C GLY A 69 -3.73 -14.68 3.91
N PHE A 70 -2.49 -15.15 4.17
CA PHE A 70 -1.53 -15.46 3.11
C PHE A 70 -0.61 -16.55 3.63
N SER A 71 -0.02 -17.34 2.70
CA SER A 71 0.81 -18.49 3.04
C SER A 71 2.19 -18.45 2.37
N ASP A 72 2.43 -17.43 1.53
CA ASP A 72 3.68 -17.27 0.81
C ASP A 72 4.64 -16.36 1.60
N LEU A 73 5.77 -16.00 0.98
CA LEU A 73 6.62 -14.92 1.45
C LEU A 73 5.85 -13.59 1.34
N MET A 74 5.94 -12.78 2.40
CA MET A 74 5.28 -11.48 2.47
C MET A 74 5.62 -10.63 1.24
N ALA A 75 6.79 -10.89 0.63
CA ALA A 75 7.24 -10.11 -0.52
C ALA A 75 6.50 -10.51 -1.80
N ASN A 76 6.16 -11.80 -1.91
CA ASN A 76 5.36 -12.31 -3.02
C ASN A 76 3.91 -11.86 -2.90
N PHE A 77 3.35 -11.98 -1.68
CA PHE A 77 1.99 -11.54 -1.39
C PHE A 77 1.86 -10.06 -1.72
N ALA A 78 2.87 -9.26 -1.39
CA ALA A 78 2.86 -7.85 -1.71
C ALA A 78 2.78 -7.65 -3.23
N ARG A 79 3.48 -8.50 -4.00
CA ARG A 79 3.52 -8.42 -5.45
C ARG A 79 2.14 -8.75 -6.01
N ALA A 80 1.55 -9.83 -5.48
CA ALA A 80 0.21 -10.25 -5.86
C ALA A 80 -0.80 -9.12 -5.64
N GLN A 81 -0.76 -8.52 -4.44
CA GLN A 81 -1.71 -7.49 -4.04
C GLN A 81 -1.39 -6.14 -4.66
N GLN A 82 -0.25 -6.04 -5.36
CA GLN A 82 0.15 -4.80 -5.99
C GLN A 82 0.40 -3.73 -4.92
N ALA A 83 0.95 -4.20 -3.80
CA ALA A 83 1.40 -3.33 -2.73
C ALA A 83 2.78 -2.80 -3.09
N ASN A 84 2.99 -1.51 -2.86
CA ASN A 84 4.29 -0.88 -3.01
C ASN A 84 4.90 -0.58 -1.63
N ILE A 85 4.14 -0.84 -0.56
CA ILE A 85 4.55 -0.46 0.79
C ILE A 85 4.33 -1.63 1.76
N LEU A 86 5.31 -1.80 2.67
CA LEU A 86 5.30 -2.85 3.67
C LEU A 86 5.42 -2.21 5.06
N ILE A 87 4.42 -2.42 5.90
CA ILE A 87 4.40 -1.86 7.23
C ILE A 87 5.07 -2.84 8.18
N ARG A 88 6.02 -2.31 8.98
CA ARG A 88 6.61 -3.05 10.09
C ARG A 88 6.50 -2.23 11.38
N GLY A 89 5.95 -2.84 12.43
CA GLY A 89 6.01 -2.26 13.75
C GLY A 89 7.42 -2.44 14.33
N LEU A 90 7.97 -1.36 14.87
CA LEU A 90 9.35 -1.34 15.32
C LEU A 90 9.32 -0.89 16.78
N ARG A 91 9.30 -1.85 17.71
CA ARG A 91 9.10 -1.56 19.12
C ARG A 91 10.42 -1.62 19.90
N ALA A 92 11.15 -2.72 19.73
CA ALA A 92 12.36 -2.97 20.49
C ALA A 92 13.60 -2.64 19.66
N VAL A 93 14.68 -2.25 20.35
CA VAL A 93 16.00 -2.06 19.76
C VAL A 93 16.65 -3.42 19.45
N ALA A 94 16.27 -4.46 20.20
CA ALA A 94 16.75 -5.81 19.94
C ALA A 94 16.34 -6.27 18.54
N ASP A 95 15.08 -6.01 18.19
CA ASP A 95 14.49 -6.47 16.94
C ASP A 95 15.00 -5.68 15.74
N PHE A 96 15.64 -4.53 15.98
CA PHE A 96 16.02 -3.59 14.94
C PHE A 96 16.94 -4.25 13.91
N GLU A 97 17.93 -5.01 14.39
CA GLU A 97 18.89 -5.66 13.51
C GLU A 97 18.17 -6.63 12.58
N TYR A 98 17.25 -7.42 13.13
CA TYR A 98 16.47 -8.37 12.34
C TYR A 98 15.66 -7.63 11.29
N GLU A 99 15.04 -6.52 11.70
CA GLU A 99 14.17 -5.76 10.82
C GLU A 99 15.00 -5.18 9.68
N MET A 100 16.22 -4.73 9.98
CA MET A 100 17.14 -4.26 8.95
C MET A 100 17.44 -5.38 7.96
N GLN A 101 17.74 -6.58 8.47
CA GLN A 101 17.98 -7.77 7.65
C GLN A 101 16.83 -8.05 6.70
N LEU A 102 15.62 -8.06 7.27
CA LEU A 102 14.39 -8.42 6.59
C LEU A 102 14.15 -7.43 5.45
N ALA A 103 14.31 -6.14 5.72
CA ALA A 103 14.07 -5.14 4.70
C ALA A 103 15.07 -5.31 3.55
N HIS A 104 16.32 -5.69 3.89
CA HIS A 104 17.35 -5.85 2.88
C HIS A 104 17.03 -7.08 2.02
N MET A 105 16.57 -8.16 2.65
CA MET A 105 16.12 -9.34 1.92
C MET A 105 14.89 -9.00 1.07
N ASN A 106 13.93 -8.25 1.63
CA ASN A 106 12.69 -7.95 0.95
C ASN A 106 12.97 -7.02 -0.21
N ARG A 107 14.03 -6.20 -0.10
CA ARG A 107 14.44 -5.34 -1.19
C ARG A 107 15.04 -6.19 -2.31
N HIS A 108 15.77 -7.24 -1.92
CA HIS A 108 16.33 -8.18 -2.88
C HIS A 108 15.19 -8.83 -3.66
N LEU A 109 14.21 -9.41 -2.94
CA LEU A 109 13.10 -10.15 -3.52
C LEU A 109 12.20 -9.23 -4.36
N MET A 110 11.93 -8.01 -3.88
CA MET A 110 11.01 -7.12 -4.57
C MET A 110 11.48 -5.68 -4.43
N PRO A 111 12.32 -5.19 -5.35
CA PRO A 111 12.90 -3.84 -5.23
C PRO A 111 11.93 -2.65 -5.25
N THR A 112 10.71 -2.87 -5.75
CA THR A 112 9.72 -1.79 -5.83
C THR A 112 8.93 -1.69 -4.52
N LEU A 113 9.14 -2.64 -3.60
CA LEU A 113 8.45 -2.66 -2.33
C LEU A 113 9.26 -1.87 -1.29
N GLU A 114 8.61 -0.86 -0.71
CA GLU A 114 9.23 0.04 0.25
C GLU A 114 8.84 -0.38 1.67
N SER A 115 9.83 -0.73 2.51
CA SER A 115 9.57 -1.01 3.92
C SER A 115 9.39 0.31 4.67
N VAL A 116 8.35 0.38 5.51
CA VAL A 116 8.06 1.58 6.29
C VAL A 116 7.91 1.16 7.74
N PHE A 117 8.59 1.87 8.65
CA PHE A 117 8.62 1.47 10.05
C PHE A 117 7.91 2.51 10.92
N LEU A 118 7.01 1.99 11.77
CA LEU A 118 6.23 2.77 12.72
C LEU A 118 6.53 2.28 14.14
N MET A 119 6.59 3.22 15.09
CA MET A 119 6.80 2.90 16.49
C MET A 119 5.46 2.92 17.19
N PRO A 120 5.20 2.06 18.19
CA PRO A 120 3.88 2.06 18.83
C PRO A 120 3.68 3.30 19.72
N CYS A 121 2.41 3.56 20.09
CA CYS A 121 2.05 4.48 21.18
C CYS A 121 2.81 4.02 22.44
N LYS A 122 3.23 4.96 23.32
CA LYS A 122 3.88 4.58 24.58
C LYS A 122 3.09 3.47 25.29
N GLU A 123 1.75 3.58 25.27
CA GLU A 123 0.89 2.66 26.00
C GLU A 123 1.18 1.19 25.65
N TRP A 124 1.56 0.91 24.39
CA TRP A 124 1.71 -0.46 23.91
C TRP A 124 3.18 -0.78 23.63
N SER A 125 4.09 0.04 24.18
CA SER A 125 5.52 -0.07 23.91
C SER A 125 6.15 -1.33 24.54
N PHE A 126 5.46 -2.00 25.49
CA PHE A 126 6.05 -3.12 26.23
C PHE A 126 5.27 -4.43 26.07
N ILE A 127 4.24 -4.47 25.20
CA ILE A 127 3.40 -5.65 25.13
C ILE A 127 3.78 -6.47 23.88
N SER A 128 3.54 -7.79 23.96
CA SER A 128 3.68 -8.68 22.83
C SER A 128 2.55 -9.71 22.91
N SER A 129 2.15 -10.26 21.76
CA SER A 129 1.22 -11.39 21.76
C SER A 129 1.70 -12.47 22.74
N SER A 130 3.03 -12.64 22.84
CA SER A 130 3.62 -13.75 23.57
C SER A 130 3.57 -13.51 25.07
N LEU A 131 3.87 -12.29 25.52
CA LEU A 131 3.88 -11.97 26.94
C LEU A 131 2.44 -11.84 27.46
N VAL A 132 1.53 -11.39 26.59
CA VAL A 132 0.11 -11.31 26.91
C VAL A 132 -0.41 -12.73 27.12
N LYS A 133 -0.11 -13.64 26.18
CA LYS A 133 -0.57 -15.02 26.29
C LYS A 133 -0.02 -15.64 27.58
N GLU A 134 1.29 -15.50 27.81
CA GLU A 134 1.96 -16.10 28.97
C GLU A 134 1.28 -15.64 30.25
N VAL A 135 1.02 -14.33 30.40
CA VAL A 135 0.37 -13.79 31.59
C VAL A 135 -1.02 -14.40 31.73
N ALA A 136 -1.73 -14.50 30.60
CA ALA A 136 -3.09 -14.97 30.56
C ALA A 136 -3.14 -16.46 30.89
N ARG A 137 -2.15 -17.23 30.38
CA ARG A 137 -2.06 -18.67 30.65
C ARG A 137 -1.98 -18.94 32.16
N HIS A 138 -1.18 -18.15 32.89
CA HIS A 138 -1.11 -18.22 34.35
C HIS A 138 -2.03 -17.14 34.97
N GLN A 139 -3.27 -17.03 34.45
CA GLN A 139 -4.44 -16.40 35.08
C GLN A 139 -4.40 -14.88 35.35
N GLY A 140 -3.58 -14.09 34.63
CA GLY A 140 -3.45 -12.64 34.90
C GLY A 140 -4.35 -11.73 34.07
N ASP A 141 -4.54 -10.48 34.54
CA ASP A 141 -5.47 -9.53 33.93
C ASP A 141 -4.80 -8.84 32.75
N VAL A 142 -5.20 -9.26 31.52
CA VAL A 142 -4.66 -8.72 30.29
C VAL A 142 -5.70 -7.87 29.55
N SER A 143 -6.80 -7.47 30.22
CA SER A 143 -7.92 -6.80 29.56
C SER A 143 -7.49 -5.51 28.88
N HIS A 144 -6.51 -4.80 29.48
CA HIS A 144 -6.06 -3.49 29.01
C HIS A 144 -5.35 -3.55 27.66
N PHE A 145 -4.90 -4.74 27.23
CA PHE A 145 -3.98 -4.90 26.12
C PHE A 145 -4.67 -5.41 24.86
N LEU A 146 -5.92 -5.88 25.00
CA LEU A 146 -6.60 -6.56 23.92
C LEU A 146 -7.96 -5.92 23.67
N PRO A 147 -8.44 -5.89 22.40
CA PRO A 147 -9.82 -5.53 22.12
C PRO A 147 -10.73 -6.51 22.86
N ALA A 148 -11.90 -6.02 23.29
CA ALA A 148 -12.87 -6.78 24.08
C ALA A 148 -13.16 -8.15 23.44
N ASN A 149 -13.38 -8.17 22.12
CA ASN A 149 -13.73 -9.38 21.39
C ASN A 149 -12.57 -10.37 21.48
N VAL A 150 -11.34 -9.86 21.38
CA VAL A 150 -10.16 -10.70 21.44
C VAL A 150 -10.01 -11.26 22.86
N HIS A 151 -10.20 -10.40 23.86
CA HIS A 151 -10.04 -10.77 25.25
C HIS A 151 -10.95 -11.94 25.58
N GLN A 152 -12.22 -11.85 25.18
CA GLN A 152 -13.23 -12.87 25.43
C GLN A 152 -12.81 -14.20 24.81
N ALA A 153 -12.32 -14.16 23.56
CA ALA A 153 -11.93 -15.36 22.84
C ALA A 153 -10.77 -16.05 23.56
N LEU A 154 -9.84 -15.26 24.08
CA LEU A 154 -8.66 -15.72 24.78
C LEU A 154 -9.02 -16.37 26.12
N LEU A 155 -9.92 -15.75 26.88
CA LEU A 155 -10.42 -16.31 28.13
C LEU A 155 -11.02 -17.69 27.88
N ASN A 156 -11.86 -17.82 26.84
CA ASN A 156 -12.50 -19.09 26.48
C ASN A 156 -11.48 -20.15 26.10
N LYS A 157 -10.38 -19.73 25.48
CA LYS A 157 -9.37 -20.66 24.99
C LYS A 157 -8.60 -21.26 26.17
N LEU A 158 -8.55 -20.56 27.31
CA LEU A 158 -7.75 -20.98 28.46
C LEU A 158 -8.61 -21.65 29.54
N LYS A 159 -9.95 -21.47 29.47
CA LYS A 159 -10.86 -22.06 30.45
C LYS A 159 -11.28 -23.47 29.98
N MET B 1 -4.23 10.59 0.70
CA MET B 1 -5.10 11.77 0.47
C MET B 1 -4.47 13.01 1.13
N SER B 2 -3.95 13.94 0.31
CA SER B 2 -3.27 15.13 0.77
C SER B 2 -2.31 14.82 1.93
N THR B 3 -1.35 13.92 1.67
CA THR B 3 -0.27 13.64 2.59
C THR B 3 0.87 14.64 2.38
N LYS B 4 1.29 15.29 3.47
CA LYS B 4 2.41 16.22 3.45
C LYS B 4 3.38 15.90 4.59
N ALA B 5 4.65 15.69 4.23
CA ALA B 5 5.70 15.23 5.14
C ALA B 5 6.81 16.27 5.24
N ILE B 6 7.43 16.38 6.43
CA ILE B 6 8.69 17.09 6.56
C ILE B 6 9.81 16.08 6.83
N TYR B 7 11.00 16.39 6.32
CA TYR B 7 12.19 15.57 6.54
C TYR B 7 13.28 16.46 7.14
N PRO B 8 13.26 16.70 8.47
CA PRO B 8 14.19 17.63 9.10
C PRO B 8 15.58 17.05 9.29
N GLY B 9 16.58 17.94 9.34
CA GLY B 9 17.98 17.58 9.54
C GLY B 9 18.92 18.77 9.36
N THR B 10 20.21 18.54 9.62
CA THR B 10 21.22 19.57 9.49
C THR B 10 21.69 19.64 8.04
N PHE B 11 21.83 18.46 7.40
CA PHE B 11 22.22 18.29 6.01
C PHE B 11 23.49 19.08 5.70
N ASP B 12 24.49 18.87 6.57
CA ASP B 12 25.76 19.55 6.49
C ASP B 12 26.89 18.59 6.12
N PRO B 13 27.10 18.26 4.83
CA PRO B 13 26.14 18.55 3.76
C PRO B 13 25.20 17.37 3.50
N ILE B 14 24.27 17.59 2.57
CA ILE B 14 23.39 16.54 2.08
C ILE B 14 24.23 15.46 1.39
N THR B 15 23.90 14.17 1.65
CA THR B 15 24.65 13.03 1.14
C THR B 15 23.73 12.16 0.29
N ASN B 16 24.32 11.22 -0.47
CA ASN B 16 23.55 10.29 -1.28
C ASN B 16 22.57 9.53 -0.39
N GLY B 17 22.91 9.33 0.88
CA GLY B 17 22.02 8.68 1.83
C GLY B 17 20.74 9.48 2.06
N HIS B 18 20.88 10.79 2.21
CA HIS B 18 19.76 11.70 2.40
C HIS B 18 18.90 11.69 1.14
N ILE B 19 19.56 11.75 -0.03
CA ILE B 19 18.87 11.82 -1.31
C ILE B 19 17.96 10.60 -1.43
N ASP B 20 18.51 9.44 -1.04
CA ASP B 20 17.81 8.17 -1.13
C ASP B 20 16.55 8.22 -0.27
N ILE B 21 16.69 8.71 0.97
CA ILE B 21 15.59 8.80 1.93
C ILE B 21 14.49 9.70 1.36
N VAL B 22 14.85 10.94 0.97
CA VAL B 22 13.89 11.93 0.52
C VAL B 22 13.25 11.49 -0.80
N THR B 23 14.01 10.77 -1.63
CA THR B 23 13.48 10.26 -2.88
C THR B 23 12.37 9.25 -2.58
N ARG B 24 12.61 8.34 -1.65
CA ARG B 24 11.64 7.30 -1.32
C ARG B 24 10.42 7.87 -0.59
N ALA B 25 10.63 8.91 0.22
CA ALA B 25 9.55 9.65 0.87
C ALA B 25 8.69 10.35 -0.17
N ALA B 26 9.34 10.95 -1.17
CA ALA B 26 8.65 11.72 -2.20
C ALA B 26 7.87 10.79 -3.13
N SER B 27 8.22 9.50 -3.15
CA SER B 27 7.50 8.53 -3.94
C SER B 27 6.23 8.04 -3.24
N MET B 28 6.06 8.29 -1.94
CA MET B 28 4.92 7.70 -1.25
C MET B 28 4.01 8.75 -0.61
N PHE B 29 4.44 10.01 -0.56
CA PHE B 29 3.63 11.09 0.00
C PHE B 29 3.50 12.20 -1.03
N ASP B 30 2.40 12.96 -0.96
CA ASP B 30 2.04 13.90 -2.00
C ASP B 30 3.09 15.00 -2.08
N LYS B 31 3.46 15.58 -0.93
CA LYS B 31 4.52 16.58 -0.84
C LYS B 31 5.52 16.23 0.27
N VAL B 32 6.77 16.66 0.08
CA VAL B 32 7.82 16.51 1.07
C VAL B 32 8.61 17.80 1.15
N VAL B 33 8.71 18.36 2.37
CA VAL B 33 9.58 19.49 2.64
C VAL B 33 10.86 18.97 3.28
N LEU B 34 12.00 19.15 2.58
CA LEU B 34 13.30 18.88 3.13
C LEU B 34 13.67 20.08 4.02
N ALA B 35 13.49 19.91 5.34
CA ALA B 35 13.58 21.00 6.30
C ALA B 35 14.99 21.07 6.88
N ILE B 36 15.68 22.21 6.68
CA ILE B 36 17.06 22.37 7.11
C ILE B 36 17.15 23.25 8.35
N ALA B 37 17.65 22.67 9.45
CA ALA B 37 17.74 23.34 10.74
C ALA B 37 18.72 24.51 10.68
N ALA B 38 18.22 25.70 11.03
CA ALA B 38 18.93 26.96 10.81
C ALA B 38 20.07 27.13 11.82
N SER B 39 19.69 26.99 13.10
CA SER B 39 20.60 27.20 14.21
C SER B 39 20.84 25.85 14.91
N PRO B 40 21.70 24.97 14.35
CA PRO B 40 22.03 23.72 15.02
C PRO B 40 23.03 24.03 16.13
N SER B 41 22.98 23.27 17.22
CA SER B 41 23.88 23.41 18.35
C SER B 41 25.34 23.28 17.89
N LYS B 42 25.61 22.30 17.02
CA LYS B 42 26.94 22.11 16.46
C LYS B 42 27.17 23.16 15.38
N LYS B 43 28.42 23.66 15.29
CA LYS B 43 28.82 24.60 14.27
C LYS B 43 28.96 23.85 12.96
N PRO B 44 28.04 24.02 11.97
CA PRO B 44 28.16 23.31 10.70
C PRO B 44 29.22 23.90 9.78
N MET B 45 29.83 23.02 8.97
CA MET B 45 30.82 23.39 7.97
C MET B 45 30.25 24.37 6.94
N PHE B 46 28.95 24.23 6.61
CA PHE B 46 28.27 25.11 5.68
C PHE B 46 27.23 25.95 6.41
N SER B 47 27.01 27.18 5.92
CA SER B 47 25.98 28.07 6.41
C SER B 47 24.60 27.55 6.02
N LEU B 48 23.55 28.10 6.65
CA LEU B 48 22.18 27.75 6.31
C LEU B 48 21.92 27.96 4.82
N ASP B 49 22.31 29.14 4.31
CA ASP B 49 22.06 29.49 2.91
C ASP B 49 22.77 28.49 1.98
N GLU B 50 24.05 28.22 2.28
CA GLU B 50 24.84 27.26 1.52
C GLU B 50 24.16 25.89 1.54
N ARG B 51 23.74 25.44 2.73
CA ARG B 51 23.11 24.13 2.91
C ARG B 51 21.82 24.05 2.09
N ILE B 52 21.00 25.11 2.13
CA ILE B 52 19.79 25.19 1.32
C ILE B 52 20.12 25.10 -0.16
N ALA B 53 21.11 25.90 -0.60
CA ALA B 53 21.51 25.94 -2.01
C ALA B 53 21.88 24.56 -2.53
N LEU B 54 22.75 23.85 -1.78
CA LEU B 54 23.24 22.54 -2.18
C LEU B 54 22.11 21.51 -2.23
N ALA B 55 21.21 21.59 -1.24
CA ALA B 55 20.09 20.67 -1.15
C ALA B 55 19.12 20.88 -2.31
N GLU B 56 18.86 22.16 -2.63
CA GLU B 56 18.02 22.54 -3.76
C GLU B 56 18.55 21.91 -5.05
N GLN B 57 19.84 22.11 -5.33
CA GLN B 57 20.41 21.60 -6.56
C GLN B 57 20.28 20.08 -6.60
N ALA B 58 20.53 19.43 -5.46
CA ALA B 58 20.57 17.97 -5.40
C ALA B 58 19.18 17.34 -5.48
N THR B 59 18.12 18.13 -5.21
CA THR B 59 16.75 17.62 -5.18
C THR B 59 15.84 18.29 -6.22
N ALA B 60 16.45 19.07 -7.14
CA ALA B 60 15.72 19.80 -8.17
C ALA B 60 14.96 18.86 -9.10
N HIS B 61 15.46 17.63 -9.25
CA HIS B 61 14.84 16.62 -10.10
C HIS B 61 13.60 15.99 -9.48
N LEU B 62 13.33 16.31 -8.21
CA LEU B 62 12.17 15.78 -7.51
C LEU B 62 11.10 16.87 -7.51
N VAL B 63 9.98 16.59 -8.18
CA VAL B 63 8.96 17.58 -8.48
C VAL B 63 8.30 18.04 -7.18
N ASN B 64 7.96 17.07 -6.31
CA ASN B 64 7.13 17.29 -5.13
C ASN B 64 7.97 17.50 -3.86
N VAL B 65 9.25 17.85 -4.02
CA VAL B 65 10.12 18.12 -2.88
C VAL B 65 10.50 19.60 -2.88
N GLU B 66 10.40 20.22 -1.70
CA GLU B 66 10.72 21.63 -1.52
C GLU B 66 11.63 21.81 -0.30
N VAL B 67 12.75 22.49 -0.50
CA VAL B 67 13.72 22.76 0.55
C VAL B 67 13.30 24.03 1.30
N ILE B 68 13.38 24.03 2.63
CA ILE B 68 13.05 25.20 3.45
C ILE B 68 13.86 25.15 4.74
N GLY B 69 14.46 26.28 5.11
CA GLY B 69 15.06 26.41 6.43
C GLY B 69 14.02 26.64 7.51
N PHE B 70 14.38 26.31 8.75
CA PHE B 70 13.53 26.52 9.94
C PHE B 70 14.44 26.65 11.16
N SER B 71 13.96 27.33 12.19
CA SER B 71 14.76 27.60 13.38
C SER B 71 14.07 27.12 14.66
N ASP B 72 12.81 26.72 14.54
CA ASP B 72 11.99 26.37 15.69
C ASP B 72 12.13 24.88 15.97
N LEU B 73 11.29 24.35 16.87
CA LEU B 73 11.10 22.92 17.05
C LEU B 73 10.51 22.34 15.77
N MET B 74 10.99 21.14 15.38
CA MET B 74 10.58 20.50 14.14
C MET B 74 9.07 20.24 14.21
N ALA B 75 8.56 20.09 15.44
CA ALA B 75 7.14 19.88 15.68
C ALA B 75 6.33 21.13 15.36
N ASN B 76 6.84 22.31 15.74
CA ASN B 76 6.16 23.57 15.43
C ASN B 76 6.17 23.85 13.93
N PHE B 77 7.33 23.62 13.30
CA PHE B 77 7.49 23.82 11.86
C PHE B 77 6.51 22.94 11.09
N ALA B 78 6.39 21.68 11.52
CA ALA B 78 5.42 20.76 10.95
C ALA B 78 4.00 21.32 11.07
N ARG B 79 3.65 21.95 12.22
CA ARG B 79 2.31 22.51 12.42
C ARG B 79 2.07 23.67 11.45
N ALA B 80 3.08 24.55 11.34
CA ALA B 80 3.05 25.69 10.43
C ALA B 80 2.89 25.23 8.98
N GLN B 81 3.63 24.18 8.59
CA GLN B 81 3.62 23.66 7.24
C GLN B 81 2.38 22.81 6.97
N GLN B 82 1.58 22.56 8.01
CA GLN B 82 0.43 21.66 7.96
C GLN B 82 0.86 20.29 7.46
N ALA B 83 2.00 19.83 7.97
CA ALA B 83 2.50 18.47 7.77
C ALA B 83 1.91 17.55 8.85
N ASN B 84 1.47 16.36 8.43
CA ASN B 84 0.95 15.32 9.32
CA ASN B 84 0.98 15.35 9.36
C ASN B 84 1.94 14.16 9.39
N ILE B 85 3.08 14.27 8.71
CA ILE B 85 4.05 13.19 8.64
C ILE B 85 5.47 13.74 8.82
N LEU B 86 6.28 13.03 9.60
CA LEU B 86 7.65 13.40 9.89
C LEU B 86 8.57 12.23 9.49
N ILE B 87 9.48 12.49 8.55
CA ILE B 87 10.39 11.47 8.03
C ILE B 87 11.65 11.45 8.87
N ARG B 88 12.07 10.24 9.29
CA ARG B 88 13.30 10.03 10.01
C ARG B 88 14.05 8.85 9.39
N GLY B 89 15.34 9.04 9.11
CA GLY B 89 16.18 7.97 8.63
C GLY B 89 16.69 7.12 9.80
N LEU B 90 16.71 5.79 9.60
CA LEU B 90 17.22 4.84 10.59
C LEU B 90 18.42 4.09 10.03
N ARG B 91 19.64 4.56 10.34
CA ARG B 91 20.86 3.89 9.90
C ARG B 91 21.24 2.72 10.83
N ALA B 92 21.40 3.00 12.13
CA ALA B 92 22.04 2.05 13.04
C ALA B 92 21.17 1.85 14.28
N VAL B 93 21.60 0.89 15.11
CA VAL B 93 20.93 0.54 16.35
C VAL B 93 21.07 1.67 17.35
N ALA B 94 22.31 2.14 17.56
CA ALA B 94 22.62 3.12 18.61
C ALA B 94 21.62 4.27 18.61
N ASP B 95 21.25 4.72 17.40
CA ASP B 95 20.41 5.89 17.19
C ASP B 95 18.93 5.62 17.51
N PHE B 96 18.56 4.35 17.55
CA PHE B 96 17.18 3.93 17.68
C PHE B 96 16.55 4.49 18.96
N GLU B 97 17.25 4.36 20.09
CA GLU B 97 16.77 4.82 21.38
C GLU B 97 16.42 6.31 21.34
N TYR B 98 17.34 7.09 20.76
CA TYR B 98 17.16 8.52 20.63
C TYR B 98 15.93 8.79 19.77
N GLU B 99 15.77 8.03 18.68
CA GLU B 99 14.69 8.24 17.72
C GLU B 99 13.34 7.92 18.37
N MET B 100 13.30 6.88 19.22
CA MET B 100 12.13 6.57 20.02
C MET B 100 11.81 7.74 20.94
N GLN B 101 12.82 8.29 21.61
CA GLN B 101 12.63 9.40 22.52
C GLN B 101 12.01 10.58 21.78
N LEU B 102 12.61 10.92 20.65
CA LEU B 102 12.26 12.10 19.88
C LEU B 102 10.81 11.96 19.39
N ALA B 103 10.43 10.74 18.96
CA ALA B 103 9.09 10.50 18.45
C ALA B 103 8.07 10.68 19.59
N HIS B 104 8.41 10.21 20.78
CA HIS B 104 7.53 10.29 21.94
C HIS B 104 7.37 11.74 22.41
N MET B 105 8.46 12.53 22.30
CA MET B 105 8.42 13.94 22.64
C MET B 105 7.60 14.68 21.58
N ASN B 106 7.86 14.37 20.30
CA ASN B 106 7.13 14.98 19.20
C ASN B 106 5.65 14.62 19.28
N ARG B 107 5.31 13.40 19.74
CA ARG B 107 3.91 13.03 19.95
C ARG B 107 3.31 13.91 21.04
N HIS B 108 4.10 14.16 22.10
CA HIS B 108 3.69 15.03 23.18
C HIS B 108 3.40 16.45 22.66
N LEU B 109 4.30 16.98 21.82
CA LEU B 109 4.19 18.33 21.29
C LEU B 109 3.07 18.44 20.25
N MET B 110 2.98 17.48 19.33
CA MET B 110 1.97 17.54 18.28
C MET B 110 1.41 16.15 18.03
N PRO B 111 0.32 15.75 18.73
CA PRO B 111 -0.21 14.38 18.63
C PRO B 111 -0.72 13.95 17.25
N THR B 112 -1.00 14.90 16.36
CA THR B 112 -1.51 14.54 15.04
C THR B 112 -0.35 14.30 14.07
N LEU B 113 0.87 14.57 14.53
CA LEU B 113 2.05 14.37 13.70
C LEU B 113 2.54 12.92 13.83
N GLU B 114 2.71 12.25 12.69
CA GLU B 114 3.04 10.84 12.66
C GLU B 114 4.50 10.71 12.23
N SER B 115 5.37 10.16 13.09
CA SER B 115 6.76 9.93 12.73
C SER B 115 6.82 8.64 11.93
N VAL B 116 7.57 8.66 10.82
CA VAL B 116 7.68 7.53 9.90
C VAL B 116 9.16 7.25 9.66
N PHE B 117 9.58 5.99 9.80
CA PHE B 117 10.99 5.62 9.78
C PHE B 117 11.34 4.85 8.50
N LEU B 118 12.40 5.28 7.81
CA LEU B 118 12.87 4.62 6.60
C LEU B 118 14.32 4.21 6.82
N MET B 119 14.68 3.02 6.33
CA MET B 119 16.06 2.56 6.35
C MET B 119 16.74 2.93 5.04
N PRO B 120 18.06 3.23 5.02
CA PRO B 120 18.75 3.57 3.77
C PRO B 120 19.01 2.33 2.92
N CYS B 121 19.34 2.54 1.63
CA CYS B 121 19.86 1.51 0.74
C CYS B 121 21.12 0.91 1.38
N LYS B 122 21.44 -0.37 1.13
CA LYS B 122 22.65 -0.96 1.68
C LYS B 122 23.86 -0.08 1.39
N GLU B 123 23.87 0.53 0.19
CA GLU B 123 24.97 1.32 -0.32
C GLU B 123 25.35 2.41 0.70
N TRP B 124 24.36 3.03 1.35
CA TRP B 124 24.59 4.19 2.18
C TRP B 124 24.43 3.87 3.67
N SER B 125 24.44 2.58 4.01
CA SER B 125 24.18 2.10 5.35
C SER B 125 25.27 2.56 6.33
N PHE B 126 26.51 2.72 5.83
CA PHE B 126 27.66 2.92 6.72
C PHE B 126 28.33 4.29 6.51
N ILE B 127 27.64 5.24 5.86
CA ILE B 127 28.08 6.62 5.71
C ILE B 127 27.47 7.50 6.80
N SER B 128 28.20 8.53 7.24
CA SER B 128 27.82 9.26 8.44
C SER B 128 27.60 10.74 8.18
N SER B 129 28.19 11.30 7.11
CA SER B 129 28.13 12.74 6.83
C SER B 129 29.00 13.52 7.82
N SER B 130 29.54 12.81 8.82
CA SER B 130 30.52 13.34 9.74
C SER B 130 31.78 12.51 9.59
N LEU B 131 31.58 11.27 9.12
CA LEU B 131 32.67 10.41 8.70
C LEU B 131 33.09 10.85 7.31
N VAL B 132 32.12 11.28 6.49
CA VAL B 132 32.42 11.78 5.16
C VAL B 132 33.26 13.05 5.27
N LYS B 133 32.82 13.99 6.12
CA LYS B 133 33.58 15.22 6.34
C LYS B 133 34.99 14.85 6.83
N GLU B 134 35.05 14.03 7.89
CA GLU B 134 36.32 13.71 8.55
C GLU B 134 37.31 13.10 7.57
N VAL B 135 36.86 12.15 6.75
CA VAL B 135 37.69 11.54 5.71
C VAL B 135 38.15 12.60 4.72
N ALA B 136 37.25 13.51 4.35
CA ALA B 136 37.55 14.53 3.36
C ALA B 136 38.55 15.52 3.94
N ARG B 137 38.38 15.91 5.22
CA ARG B 137 39.25 16.87 5.88
C ARG B 137 40.70 16.38 5.77
N HIS B 138 40.93 15.10 6.11
CA HIS B 138 42.22 14.45 5.93
C HIS B 138 42.28 13.75 4.56
N GLN B 139 41.99 14.53 3.48
CA GLN B 139 42.33 14.21 2.09
C GLN B 139 41.96 12.81 1.56
N GLY B 140 40.73 12.32 1.76
CA GLY B 140 40.30 11.04 1.18
C GLY B 140 39.22 11.19 0.09
N ASP B 141 39.02 10.13 -0.70
CA ASP B 141 38.10 10.13 -1.84
C ASP B 141 36.67 9.80 -1.37
N VAL B 142 35.83 10.83 -1.31
CA VAL B 142 34.47 10.72 -0.82
C VAL B 142 33.47 10.90 -1.98
N SER B 143 33.94 10.82 -3.23
CA SER B 143 33.15 11.18 -4.40
C SER B 143 31.91 10.29 -4.53
N HIS B 144 32.02 9.04 -4.10
CA HIS B 144 30.97 8.04 -4.28
C HIS B 144 29.76 8.34 -3.38
N PHE B 145 29.96 9.18 -2.35
CA PHE B 145 29.02 9.35 -1.25
C PHE B 145 28.23 10.65 -1.38
N LEU B 146 28.64 11.55 -2.28
CA LEU B 146 28.05 12.87 -2.38
C LEU B 146 27.55 13.13 -3.80
N PRO B 147 26.50 13.96 -3.96
CA PRO B 147 26.15 14.50 -5.27
C PRO B 147 27.30 15.38 -5.77
N ALA B 148 27.48 15.37 -7.10
CA ALA B 148 28.57 16.07 -7.77
C ALA B 148 28.70 17.50 -7.26
N ASN B 149 27.56 18.22 -7.18
CA ASN B 149 27.56 19.61 -6.76
C ASN B 149 28.08 19.73 -5.33
N VAL B 150 27.66 18.81 -4.46
CA VAL B 150 28.04 18.84 -3.05
C VAL B 150 29.54 18.55 -2.93
N HIS B 151 30.02 17.55 -3.68
CA HIS B 151 31.41 17.16 -3.66
C HIS B 151 32.31 18.35 -4.02
N GLN B 152 31.95 19.07 -5.10
CA GLN B 152 32.68 20.26 -5.52
C GLN B 152 32.76 21.28 -4.39
N ALA B 153 31.61 21.63 -3.81
CA ALA B 153 31.52 22.63 -2.76
C ALA B 153 32.39 22.25 -1.57
N LEU B 154 32.51 20.94 -1.30
CA LEU B 154 33.25 20.43 -0.16
C LEU B 154 34.75 20.53 -0.43
N LEU B 155 35.16 20.14 -1.64
CA LEU B 155 36.55 20.27 -2.08
C LEU B 155 37.00 21.72 -1.89
N ASN B 156 36.18 22.68 -2.36
CA ASN B 156 36.48 24.10 -2.22
C ASN B 156 36.60 24.51 -0.76
N LYS B 157 35.81 23.89 0.12
CA LYS B 157 35.79 24.32 1.51
C LYS B 157 37.09 23.92 2.22
N LEU B 158 37.78 22.91 1.70
CA LEU B 158 38.95 22.34 2.36
C LEU B 158 40.25 22.97 1.83
N LYS B 159 40.13 24.04 1.03
CA LYS B 159 41.29 24.76 0.49
C LYS B 159 41.48 26.09 1.25
N MET C 1 -16.94 -25.47 0.36
CA MET C 1 -16.23 -24.36 1.04
C MET C 1 -16.96 -23.03 0.74
N SER C 2 -16.38 -22.20 -0.14
CA SER C 2 -16.88 -20.86 -0.43
C SER C 2 -16.35 -20.42 -1.80
N THR C 3 -17.25 -19.91 -2.65
CA THR C 3 -16.91 -19.63 -4.05
C THR C 3 -16.85 -18.12 -4.28
N LYS C 4 -15.77 -17.68 -4.92
CA LYS C 4 -15.62 -16.27 -5.30
C LYS C 4 -15.17 -16.22 -6.75
N ALA C 5 -15.91 -15.47 -7.58
CA ALA C 5 -15.67 -15.45 -9.02
C ALA C 5 -15.35 -14.04 -9.48
N ILE C 6 -14.53 -13.92 -10.52
CA ILE C 6 -14.34 -12.67 -11.24
C ILE C 6 -14.89 -12.86 -12.66
N TYR C 7 -15.46 -11.77 -13.18
CA TYR C 7 -16.01 -11.71 -14.51
C TYR C 7 -15.36 -10.51 -15.17
N PRO C 8 -14.19 -10.70 -15.83
CA PRO C 8 -13.42 -9.59 -16.38
C PRO C 8 -13.90 -9.21 -17.77
N GLY C 9 -13.70 -7.95 -18.13
CA GLY C 9 -14.05 -7.42 -19.44
C GLY C 9 -13.73 -5.94 -19.56
N THR C 10 -13.98 -5.35 -20.73
CA THR C 10 -13.84 -3.92 -20.93
C THR C 10 -15.14 -3.21 -20.54
N PHE C 11 -16.28 -3.80 -20.92
CA PHE C 11 -17.60 -3.26 -20.60
C PHE C 11 -17.72 -1.81 -21.07
N ASP C 12 -17.51 -1.58 -22.37
CA ASP C 12 -17.55 -0.23 -22.94
C ASP C 12 -18.57 -0.15 -24.07
N PRO C 13 -19.89 -0.03 -23.77
CA PRO C 13 -20.40 -0.09 -22.41
C PRO C 13 -20.88 -1.48 -21.96
N ILE C 14 -21.32 -1.59 -20.70
CA ILE C 14 -21.98 -2.80 -20.24
C ILE C 14 -23.34 -2.93 -20.92
N THR C 15 -23.72 -4.14 -21.33
CA THR C 15 -24.94 -4.39 -22.09
C THR C 15 -25.82 -5.36 -21.33
N ASN C 16 -27.04 -5.59 -21.84
CA ASN C 16 -27.96 -6.55 -21.24
C ASN C 16 -27.35 -7.94 -21.29
N GLY C 17 -26.53 -8.22 -22.31
CA GLY C 17 -25.82 -9.49 -22.40
C GLY C 17 -24.94 -9.73 -21.19
N HIS C 18 -24.19 -8.70 -20.82
CA HIS C 18 -23.28 -8.78 -19.69
C HIS C 18 -24.09 -8.99 -18.42
N ILE C 19 -25.19 -8.21 -18.27
CA ILE C 19 -26.01 -8.27 -17.07
C ILE C 19 -26.51 -9.70 -16.92
N ASP C 20 -26.95 -10.29 -18.03
CA ASP C 20 -27.47 -11.65 -18.01
C ASP C 20 -26.41 -12.61 -17.45
N ILE C 21 -25.20 -12.54 -17.99
CA ILE C 21 -24.09 -13.38 -17.57
C ILE C 21 -23.79 -13.19 -16.08
N VAL C 22 -23.63 -11.94 -15.63
CA VAL C 22 -23.21 -11.69 -14.26
C VAL C 22 -24.33 -12.10 -13.30
N THR C 23 -25.59 -11.94 -13.75
CA THR C 23 -26.75 -12.32 -12.97
C THR C 23 -26.72 -13.83 -12.74
N ARG C 24 -26.50 -14.61 -13.81
CA ARG C 24 -26.45 -16.07 -13.71
C ARG C 24 -25.25 -16.52 -12.87
N ALA C 25 -24.10 -15.85 -13.00
CA ALA C 25 -22.93 -16.13 -12.18
C ALA C 25 -23.25 -15.93 -10.72
N ALA C 26 -23.88 -14.79 -10.40
CA ALA C 26 -24.21 -14.39 -9.04
C ALA C 26 -25.22 -15.35 -8.40
N SER C 27 -25.98 -16.09 -9.22
CA SER C 27 -26.94 -17.07 -8.74
C SER C 27 -26.27 -18.36 -8.31
N MET C 28 -25.03 -18.61 -8.77
CA MET C 28 -24.45 -19.92 -8.50
C MET C 28 -23.18 -19.82 -7.64
N PHE C 29 -22.59 -18.62 -7.51
CA PHE C 29 -21.37 -18.47 -6.73
C PHE C 29 -21.67 -17.47 -5.61
N ASP C 30 -20.88 -17.54 -4.51
CA ASP C 30 -21.20 -16.81 -3.30
C ASP C 30 -20.98 -15.33 -3.53
N LYS C 31 -19.84 -14.98 -4.14
CA LYS C 31 -19.54 -13.61 -4.52
C LYS C 31 -19.10 -13.58 -5.97
N VAL C 32 -19.39 -12.48 -6.66
CA VAL C 32 -18.90 -12.23 -8.00
C VAL C 32 -18.38 -10.80 -8.08
N VAL C 33 -17.15 -10.64 -8.60
CA VAL C 33 -16.57 -9.33 -8.86
C VAL C 33 -16.67 -9.11 -10.36
N LEU C 34 -17.37 -8.04 -10.74
CA LEU C 34 -17.40 -7.62 -12.13
C LEU C 34 -16.18 -6.74 -12.31
N ALA C 35 -15.16 -7.29 -12.96
CA ALA C 35 -13.83 -6.72 -13.02
C ALA C 35 -13.64 -6.01 -14.35
N ILE C 36 -13.45 -4.68 -14.30
CA ILE C 36 -13.40 -3.85 -15.49
C ILE C 36 -11.95 -3.46 -15.79
N ALA C 37 -11.45 -3.90 -16.96
CA ALA C 37 -10.07 -3.67 -17.41
C ALA C 37 -9.80 -2.18 -17.64
N ALA C 38 -8.75 -1.68 -16.98
CA ALA C 38 -8.44 -0.26 -16.96
C ALA C 38 -8.00 0.22 -18.33
N SER C 39 -6.90 -0.41 -18.79
CA SER C 39 -6.23 0.00 -20.02
C SER C 39 -6.45 -1.12 -21.04
N PRO C 40 -7.60 -1.12 -21.73
CA PRO C 40 -7.77 -2.01 -22.87
C PRO C 40 -6.94 -1.45 -24.03
N SER C 41 -6.47 -2.33 -24.91
CA SER C 41 -5.69 -1.93 -26.07
C SER C 41 -6.49 -0.96 -26.94
N LYS C 42 -7.80 -1.26 -27.13
CA LYS C 42 -8.69 -0.41 -27.90
C LYS C 42 -9.12 0.77 -27.04
N LYS C 43 -9.16 1.98 -27.63
CA LYS C 43 -9.53 3.20 -26.95
C LYS C 43 -11.04 3.17 -26.69
N PRO C 44 -11.48 2.95 -25.44
CA PRO C 44 -12.91 2.87 -25.15
C PRO C 44 -13.64 4.22 -25.18
N MET C 45 -14.90 4.19 -25.65
CA MET C 45 -15.83 5.31 -25.66
C MET C 45 -16.02 5.95 -24.28
N PHE C 46 -15.98 5.15 -23.22
CA PHE C 46 -16.10 5.62 -21.85
C PHE C 46 -14.80 5.36 -21.09
N SER C 47 -14.46 6.27 -20.16
CA SER C 47 -13.34 6.12 -19.26
C SER C 47 -13.58 4.96 -18.29
N LEU C 48 -12.52 4.56 -17.58
CA LEU C 48 -12.65 3.53 -16.56
C LEU C 48 -13.68 3.94 -15.50
N ASP C 49 -13.57 5.17 -14.98
CA ASP C 49 -14.46 5.63 -13.92
C ASP C 49 -15.91 5.63 -14.42
N GLU C 50 -16.14 6.11 -15.65
CA GLU C 50 -17.46 6.07 -16.26
C GLU C 50 -17.98 4.63 -16.29
N ARG C 51 -17.14 3.73 -16.84
CA ARG C 51 -17.49 2.34 -17.05
C ARG C 51 -17.84 1.69 -15.71
N ILE C 52 -17.09 2.03 -14.65
CA ILE C 52 -17.36 1.52 -13.31
C ILE C 52 -18.73 2.04 -12.85
N ALA C 53 -18.95 3.35 -13.03
CA ALA C 53 -20.17 3.99 -12.55
C ALA C 53 -21.39 3.35 -13.19
N LEU C 54 -21.40 3.26 -14.53
CA LEU C 54 -22.50 2.61 -15.25
C LEU C 54 -22.73 1.18 -14.77
N ALA C 55 -21.66 0.39 -14.62
CA ALA C 55 -21.78 -1.01 -14.25
C ALA C 55 -22.37 -1.15 -12.85
N GLU C 56 -21.93 -0.26 -11.94
CA GLU C 56 -22.40 -0.21 -10.57
C GLU C 56 -23.92 -0.06 -10.56
N GLN C 57 -24.41 0.98 -11.25
CA GLN C 57 -25.84 1.26 -11.29
C GLN C 57 -26.60 0.06 -11.88
N ALA C 58 -26.04 -0.57 -12.94
CA ALA C 58 -26.73 -1.63 -13.65
C ALA C 58 -26.72 -2.95 -12.86
N THR C 59 -25.91 -3.03 -11.80
CA THR C 59 -25.78 -4.28 -11.05
C THR C 59 -26.11 -4.07 -9.58
N ALA C 60 -26.60 -2.86 -9.25
CA ALA C 60 -26.92 -2.46 -7.88
C ALA C 60 -27.99 -3.36 -7.27
N HIS C 61 -28.86 -3.94 -8.09
CA HIS C 61 -29.87 -4.89 -7.62
C HIS C 61 -29.26 -6.24 -7.24
N LEU C 62 -27.99 -6.48 -7.60
CA LEU C 62 -27.37 -7.78 -7.32
C LEU C 62 -26.53 -7.68 -6.04
N VAL C 63 -27.00 -8.37 -5.00
CA VAL C 63 -26.49 -8.22 -3.64
C VAL C 63 -25.02 -8.61 -3.57
N ASN C 64 -24.68 -9.75 -4.18
CA ASN C 64 -23.40 -10.38 -4.02
C ASN C 64 -22.46 -10.04 -5.18
N VAL C 65 -22.76 -8.97 -5.92
CA VAL C 65 -21.92 -8.53 -7.03
C VAL C 65 -21.28 -7.20 -6.68
N GLU C 66 -19.97 -7.09 -6.91
CA GLU C 66 -19.23 -5.87 -6.68
C GLU C 66 -18.41 -5.54 -7.92
N VAL C 67 -18.44 -4.27 -8.32
CA VAL C 67 -17.72 -3.78 -9.49
C VAL C 67 -16.37 -3.21 -9.04
N ILE C 68 -15.28 -3.59 -9.74
CA ILE C 68 -13.93 -3.13 -9.40
C ILE C 68 -13.11 -3.04 -10.68
N GLY C 69 -12.44 -1.90 -10.90
CA GLY C 69 -11.42 -1.75 -11.92
C GLY C 69 -10.13 -2.51 -11.58
N PHE C 70 -9.38 -2.92 -12.62
CA PHE C 70 -8.09 -3.59 -12.47
C PHE C 70 -7.24 -3.28 -13.70
N SER C 71 -5.91 -3.39 -13.56
CA SER C 71 -5.00 -2.96 -14.61
C SER C 71 -4.00 -4.07 -14.95
N ASP C 72 -3.94 -5.12 -14.12
CA ASP C 72 -3.02 -6.24 -14.33
C ASP C 72 -3.63 -7.33 -15.23
N LEU C 73 -2.94 -8.47 -15.30
CA LEU C 73 -3.48 -9.70 -15.87
C LEU C 73 -4.68 -10.15 -15.05
N MET C 74 -5.77 -10.50 -15.73
CA MET C 74 -6.96 -10.98 -15.04
C MET C 74 -6.58 -12.07 -14.04
N ALA C 75 -5.53 -12.84 -14.33
CA ALA C 75 -5.13 -13.97 -13.49
C ALA C 75 -4.52 -13.47 -12.19
N ASN C 76 -3.69 -12.43 -12.27
CA ASN C 76 -3.11 -11.78 -11.09
C ASN C 76 -4.21 -11.17 -10.23
N PHE C 77 -5.15 -10.46 -10.88
CA PHE C 77 -6.23 -9.79 -10.17
C PHE C 77 -7.05 -10.85 -9.44
N ALA C 78 -7.19 -12.01 -10.05
CA ALA C 78 -7.93 -13.09 -9.44
C ALA C 78 -7.19 -13.57 -8.18
N ARG C 79 -5.85 -13.61 -8.25
CA ARG C 79 -5.02 -14.02 -7.12
C ARG C 79 -5.15 -13.01 -5.98
N ALA C 80 -5.08 -11.71 -6.31
CA ALA C 80 -5.28 -10.63 -5.34
C ALA C 80 -6.65 -10.70 -4.66
N GLN C 81 -7.69 -11.02 -5.44
CA GLN C 81 -9.06 -11.05 -4.96
C GLN C 81 -9.37 -12.38 -4.29
N GLN C 82 -8.41 -13.30 -4.32
CA GLN C 82 -8.59 -14.66 -3.83
C GLN C 82 -9.83 -15.28 -4.49
N ALA C 83 -9.99 -15.02 -5.79
CA ALA C 83 -10.98 -15.70 -6.61
C ALA C 83 -10.43 -17.04 -7.07
N ASN C 84 -11.27 -18.08 -7.02
CA ASN C 84 -10.96 -19.41 -7.54
C ASN C 84 -11.76 -19.71 -8.82
N ILE C 85 -12.53 -18.75 -9.31
CA ILE C 85 -13.39 -18.98 -10.47
C ILE C 85 -13.35 -17.76 -11.37
N LEU C 86 -13.24 -18.03 -12.68
CA LEU C 86 -13.15 -16.99 -13.69
C LEU C 86 -14.29 -17.20 -14.69
N ILE C 87 -15.20 -16.22 -14.77
CA ILE C 87 -16.36 -16.29 -15.63
C ILE C 87 -16.01 -15.75 -17.00
N ARG C 88 -16.33 -16.53 -18.05
CA ARG C 88 -16.21 -16.08 -19.43
C ARG C 88 -17.54 -16.33 -20.15
N GLY C 89 -17.98 -15.36 -20.97
CA GLY C 89 -19.11 -15.55 -21.86
C GLY C 89 -18.69 -16.19 -23.18
N LEU C 90 -19.44 -17.20 -23.65
CA LEU C 90 -19.18 -17.86 -24.92
C LEU C 90 -20.31 -17.59 -25.91
N ARG C 91 -20.19 -16.54 -26.72
CA ARG C 91 -21.22 -16.28 -27.73
C ARG C 91 -20.85 -16.77 -29.13
N ALA C 92 -19.68 -16.32 -29.64
CA ALA C 92 -19.29 -16.59 -31.01
C ALA C 92 -18.35 -17.80 -31.05
N VAL C 93 -18.62 -18.72 -31.99
CA VAL C 93 -17.93 -19.99 -32.16
C VAL C 93 -16.51 -19.79 -32.67
N ALA C 94 -16.29 -18.64 -33.31
CA ALA C 94 -14.97 -18.23 -33.79
C ALA C 94 -14.07 -17.96 -32.58
N ASP C 95 -14.69 -17.37 -31.55
CA ASP C 95 -14.01 -16.93 -30.33
C ASP C 95 -13.67 -18.10 -29.41
N PHE C 96 -14.20 -19.29 -29.70
CA PHE C 96 -14.01 -20.47 -28.88
C PHE C 96 -12.54 -20.89 -28.80
N GLU C 97 -11.84 -20.78 -29.93
CA GLU C 97 -10.41 -21.07 -30.00
C GLU C 97 -9.64 -20.18 -29.02
N TYR C 98 -9.87 -18.88 -29.14
CA TYR C 98 -9.19 -17.88 -28.33
C TYR C 98 -9.49 -18.16 -26.85
N GLU C 99 -10.75 -18.52 -26.55
CA GLU C 99 -11.14 -18.78 -25.18
C GLU C 99 -10.40 -20.00 -24.62
N MET C 100 -10.27 -21.05 -25.43
CA MET C 100 -9.48 -22.22 -25.08
C MET C 100 -8.04 -21.82 -24.76
N GLN C 101 -7.44 -20.97 -25.61
CA GLN C 101 -6.06 -20.52 -25.46
C GLN C 101 -5.87 -19.80 -24.13
N LEU C 102 -6.82 -18.89 -23.86
CA LEU C 102 -6.78 -18.02 -22.70
C LEU C 102 -6.87 -18.87 -21.44
N ALA C 103 -7.79 -19.85 -21.45
CA ALA C 103 -7.99 -20.69 -20.29
C ALA C 103 -6.74 -21.52 -20.02
N HIS C 104 -6.00 -21.91 -21.07
CA HIS C 104 -4.77 -22.68 -20.90
C HIS C 104 -3.69 -21.78 -20.34
N MET C 105 -3.58 -20.56 -20.85
CA MET C 105 -2.60 -19.60 -20.35
C MET C 105 -2.93 -19.24 -18.91
N ASN C 106 -4.22 -19.04 -18.62
CA ASN C 106 -4.64 -18.68 -17.28
C ASN C 106 -4.36 -19.84 -16.32
N ARG C 107 -4.55 -21.07 -16.78
CA ARG C 107 -4.25 -22.22 -15.95
C ARG C 107 -2.75 -22.25 -15.67
N HIS C 108 -1.94 -21.89 -16.67
CA HIS C 108 -0.49 -21.83 -16.49
C HIS C 108 -0.15 -20.79 -15.41
N LEU C 109 -0.73 -19.61 -15.53
CA LEU C 109 -0.43 -18.50 -14.62
C LEU C 109 -0.93 -18.81 -13.21
N MET C 110 -2.12 -19.40 -13.09
CA MET C 110 -2.73 -19.62 -11.78
C MET C 110 -3.53 -20.93 -11.81
N PRO C 111 -2.88 -22.07 -11.54
CA PRO C 111 -3.55 -23.37 -11.70
C PRO C 111 -4.77 -23.59 -10.81
N THR C 112 -4.90 -22.85 -9.70
CA THR C 112 -6.04 -23.03 -8.80
C THR C 112 -7.27 -22.26 -9.29
N LEU C 113 -7.09 -21.44 -10.34
CA LEU C 113 -8.19 -20.64 -10.88
C LEU C 113 -8.90 -21.45 -11.97
N GLU C 114 -10.22 -21.59 -11.83
CA GLU C 114 -11.02 -22.43 -12.69
C GLU C 114 -11.79 -21.52 -13.67
N SER C 115 -11.58 -21.73 -14.96
CA SER C 115 -12.33 -20.98 -15.95
C SER C 115 -13.69 -21.65 -16.14
N VAL C 116 -14.77 -20.86 -16.15
CA VAL C 116 -16.13 -21.37 -16.28
C VAL C 116 -16.84 -20.57 -17.38
N PHE C 117 -17.41 -21.28 -18.38
CA PHE C 117 -18.00 -20.67 -19.55
C PHE C 117 -19.52 -20.73 -19.51
N LEU C 118 -20.15 -19.56 -19.72
CA LEU C 118 -21.58 -19.41 -19.79
C LEU C 118 -21.99 -18.91 -21.17
N MET C 119 -23.10 -19.44 -21.71
CA MET C 119 -23.62 -18.99 -22.98
C MET C 119 -24.73 -17.97 -22.72
N PRO C 120 -24.90 -16.94 -23.58
CA PRO C 120 -25.94 -15.92 -23.33
C PRO C 120 -27.34 -16.47 -23.57
N CYS C 121 -28.36 -15.75 -23.04
CA CYS C 121 -29.78 -15.92 -23.39
C CYS C 121 -29.92 -15.80 -24.91
N LYS C 122 -30.91 -16.46 -25.53
CA LYS C 122 -31.17 -16.25 -26.96
C LYS C 122 -31.25 -14.76 -27.31
N GLU C 123 -31.90 -13.99 -26.42
CA GLU C 123 -32.17 -12.58 -26.64
C GLU C 123 -30.90 -11.82 -27.01
N TRP C 124 -29.75 -12.17 -26.39
CA TRP C 124 -28.52 -11.39 -26.48
C TRP C 124 -27.46 -12.13 -27.30
N SER C 125 -27.88 -13.14 -28.05
CA SER C 125 -26.98 -14.01 -28.78
C SER C 125 -26.26 -13.31 -29.92
N PHE C 126 -26.73 -12.12 -30.36
CA PHE C 126 -26.17 -11.45 -31.53
C PHE C 126 -25.60 -10.08 -31.20
N ILE C 127 -25.48 -9.74 -29.92
CA ILE C 127 -25.18 -8.38 -29.50
C ILE C 127 -23.74 -8.31 -28.99
N SER C 128 -23.07 -7.18 -29.26
CA SER C 128 -21.76 -6.90 -28.69
C SER C 128 -21.68 -5.42 -28.34
N SER C 129 -20.87 -5.07 -27.32
CA SER C 129 -20.62 -3.68 -27.00
C SER C 129 -20.32 -2.92 -28.30
N SER C 130 -19.63 -3.60 -29.23
CA SER C 130 -19.07 -3.00 -30.43
C SER C 130 -20.16 -2.69 -31.46
N LEU C 131 -21.03 -3.66 -31.72
CA LEU C 131 -22.07 -3.51 -32.73
C LEU C 131 -23.12 -2.51 -32.25
N VAL C 132 -23.41 -2.54 -30.94
CA VAL C 132 -24.33 -1.61 -30.33
C VAL C 132 -23.81 -0.19 -30.55
N LYS C 133 -22.55 0.06 -30.17
CA LYS C 133 -21.93 1.37 -30.35
C LYS C 133 -22.04 1.79 -31.82
N GLU C 134 -21.66 0.91 -32.74
CA GLU C 134 -21.57 1.25 -34.16
C GLU C 134 -22.95 1.62 -34.71
N VAL C 135 -24.00 0.90 -34.30
CA VAL C 135 -25.37 1.22 -34.66
C VAL C 135 -25.75 2.60 -34.11
N ALA C 136 -25.42 2.81 -32.83
CA ALA C 136 -25.80 4.02 -32.12
C ALA C 136 -25.07 5.24 -32.67
N ARG C 137 -23.87 5.05 -33.24
CA ARG C 137 -23.03 6.14 -33.71
C ARG C 137 -23.57 6.63 -35.05
N HIS C 138 -24.41 5.80 -35.69
CA HIS C 138 -25.07 6.15 -36.95
C HIS C 138 -26.58 6.24 -36.68
N GLN C 139 -26.94 6.58 -35.43
CA GLN C 139 -28.26 7.06 -35.01
C GLN C 139 -29.39 6.02 -34.97
N GLY C 140 -29.08 4.74 -34.73
CA GLY C 140 -30.08 3.67 -34.64
C GLY C 140 -30.55 3.37 -33.22
N ASP C 141 -31.69 2.66 -33.08
CA ASP C 141 -32.34 2.41 -31.79
C ASP C 141 -31.75 1.18 -31.09
N VAL C 142 -30.95 1.42 -30.05
CA VAL C 142 -30.25 0.37 -29.33
C VAL C 142 -30.84 0.19 -27.93
N SER C 143 -32.01 0.79 -27.67
CA SER C 143 -32.63 0.80 -26.34
C SER C 143 -32.79 -0.59 -25.76
N HIS C 144 -33.07 -1.57 -26.63
CA HIS C 144 -33.44 -2.92 -26.21
C HIS C 144 -32.25 -3.67 -25.62
N PHE C 145 -31.05 -3.18 -25.94
CA PHE C 145 -29.81 -3.89 -25.72
C PHE C 145 -29.04 -3.40 -24.49
N LEU C 146 -29.42 -2.22 -23.97
CA LEU C 146 -28.71 -1.58 -22.87
C LEU C 146 -29.63 -1.34 -21.68
N PRO C 147 -29.08 -1.39 -20.44
CA PRO C 147 -29.78 -0.88 -19.25
C PRO C 147 -30.09 0.60 -19.47
N ALA C 148 -31.19 1.06 -18.86
CA ALA C 148 -31.68 2.43 -19.01
C ALA C 148 -30.56 3.45 -18.74
N ASN C 149 -29.86 3.29 -17.60
CA ASN C 149 -28.79 4.19 -17.21
C ASN C 149 -27.68 4.24 -18.27
N VAL C 150 -27.32 3.08 -18.85
CA VAL C 150 -26.27 3.01 -19.87
C VAL C 150 -26.74 3.67 -21.16
N HIS C 151 -28.02 3.46 -21.49
CA HIS C 151 -28.60 4.03 -22.70
C HIS C 151 -28.55 5.57 -22.64
N GLN C 152 -28.88 6.13 -21.48
CA GLN C 152 -28.84 7.57 -21.26
C GLN C 152 -27.42 8.13 -21.43
N ALA C 153 -26.44 7.46 -20.84
CA ALA C 153 -25.04 7.89 -20.96
C ALA C 153 -24.56 7.84 -22.42
N LEU C 154 -25.01 6.83 -23.18
CA LEU C 154 -24.60 6.69 -24.57
C LEU C 154 -25.23 7.77 -25.44
N LEU C 155 -26.52 8.07 -25.20
CA LEU C 155 -27.24 9.08 -25.94
C LEU C 155 -26.58 10.46 -25.80
N ASN C 156 -26.12 10.79 -24.58
CA ASN C 156 -25.38 12.02 -24.34
C ASN C 156 -24.05 12.00 -25.07
N LYS C 157 -23.39 10.84 -25.12
CA LYS C 157 -22.04 10.75 -25.64
C LYS C 157 -22.03 10.96 -27.15
N LEU C 158 -23.18 10.76 -27.82
CA LEU C 158 -23.27 10.83 -29.28
C LEU C 158 -24.03 12.07 -29.76
N LYS C 159 -24.60 12.84 -28.82
CA LYS C 159 -25.32 14.06 -29.14
C LYS C 159 -24.49 15.27 -28.72
#